data_4I0N
#
_entry.id   4I0N
#
_cell.length_a   167.444
_cell.length_b   29.698
_cell.length_c   56.265
_cell.angle_alpha   90.00
_cell.angle_beta   99.09
_cell.angle_gamma   90.00
#
_symmetry.space_group_name_H-M   'C 1 2 1'
#
loop_
_entity.id
_entity.type
_entity.pdbx_description
1 polymer 'Necrotic enteritis toxin B'
2 non-polymer 'MAGNESIUM ION'
3 non-polymer 1,2-ETHANEDIOL
4 water water
#
_entity_poly.entity_id   1
_entity_poly.type   'polypeptide(L)'
_entity_poly.pdbx_seq_one_letter_code
;NDINKIELKNLSGEIIKENGKEAIKYTSSDTASHKGWKATLSGTFIEDPHSDKKTALLNLEGFIPSDKQIFGSKYYGKMK
WPETYRINVKSADVNNNIKIANSIPKNTIDKKDVSNSIGYSIGGNISVEGKTAGAGINASYNVQNTISYEQPDFRTIQRK
DDANLASWDIKFVETKDGYNIDSYHAIYGNQLFMKSRLYNNGDKNFTDDRDLSTLISGGFSPNMALALTAPKNAKESVII
VEYQRFDNDYILNWETTQWRGTNKLSSTSEYNEFMFKINWQDHKIEYYL
;
_entity_poly.pdbx_strand_id   A
#
# COMPACT_ATOMS: atom_id res chain seq x y z
N SER A 12 5.66 29.35 13.74
CA SER A 12 4.59 28.32 13.55
C SER A 12 5.02 26.94 14.02
N GLY A 13 6.22 26.83 14.59
CA GLY A 13 6.73 25.56 15.07
C GLY A 13 6.30 25.26 16.50
N GLU A 14 6.38 23.99 16.89
CA GLU A 14 5.99 23.58 18.23
C GLU A 14 7.20 22.93 18.91
N ILE A 15 7.45 23.30 20.17
CA ILE A 15 8.55 22.68 20.91
C ILE A 15 8.20 21.26 21.33
N ILE A 16 9.12 20.35 21.06
CA ILE A 16 9.05 18.98 21.56
C ILE A 16 10.17 18.80 22.57
N LYS A 17 9.91 18.00 23.60
CA LYS A 17 10.84 17.84 24.71
C LYS A 17 11.08 16.35 25.01
N GLU A 18 12.31 16.00 25.38
CA GLU A 18 12.67 14.63 25.74
C GLU A 18 14.01 14.63 26.45
N ASN A 19 14.02 14.12 27.68
CA ASN A 19 15.21 14.04 28.52
C ASN A 19 15.97 15.37 28.72
N GLY A 20 15.22 16.45 28.96
CA GLY A 20 15.80 17.78 29.19
C GLY A 20 16.34 18.47 27.94
N LYS A 21 16.07 17.88 26.77
CA LYS A 21 16.47 18.47 25.49
C LYS A 21 15.24 18.83 24.69
N GLU A 22 15.32 19.90 23.90
CA GLU A 22 14.19 20.33 23.09
C GLU A 22 14.53 20.51 21.60
N ALA A 23 13.50 20.35 20.76
CA ALA A 23 13.61 20.62 19.32
C ALA A 23 12.28 21.25 18.89
N ILE A 24 12.17 21.60 17.62
CA ILE A 24 10.96 22.24 17.11
C ILE A 24 10.41 21.35 15.99
N LYS A 25 9.11 21.10 16.02
CA LYS A 25 8.48 20.33 14.96
C LYS A 25 7.47 21.18 14.18
N TYR A 26 7.28 20.81 12.91
CA TYR A 26 6.37 21.49 11.99
C TYR A 26 5.61 20.41 11.25
N THR A 27 4.32 20.62 10.99
CA THR A 27 3.55 19.63 10.25
C THR A 27 2.98 20.19 8.96
N SER A 28 2.81 19.30 7.98
CA SER A 28 2.20 19.68 6.70
C SER A 28 1.58 18.46 6.09
N SER A 29 0.63 18.65 5.19
CA SER A 29 0.05 17.52 4.47
C SER A 29 -0.47 18.01 3.13
N ASP A 30 -0.47 17.12 2.14
CA ASP A 30 -1.19 17.38 0.89
C ASP A 30 -1.80 16.08 0.40
N THR A 31 -2.79 16.21 -0.47
CA THR A 31 -3.50 15.04 -0.96
CA THR A 31 -3.54 15.04 -0.96
C THR A 31 -3.77 15.19 -2.44
N ALA A 32 -3.84 14.06 -3.15
CA ALA A 32 -4.10 14.02 -4.58
C ALA A 32 -4.93 12.79 -4.86
N SER A 33 -5.68 12.82 -5.96
CA SER A 33 -6.41 11.63 -6.36
C SER A 33 -6.64 11.65 -7.86
N HIS A 34 -6.96 10.48 -8.38
CA HIS A 34 -7.25 10.33 -9.78
C HIS A 34 -7.97 9.00 -9.96
N LYS A 35 -9.17 9.04 -10.55
CA LYS A 35 -9.94 7.81 -10.83
C LYS A 35 -10.20 6.93 -9.59
N GLY A 36 -10.27 7.58 -8.43
CA GLY A 36 -10.58 6.88 -7.20
C GLY A 36 -9.35 6.39 -6.45
N TRP A 37 -8.18 6.53 -7.07
CA TRP A 37 -6.91 6.21 -6.44
C TRP A 37 -6.46 7.46 -5.70
N LYS A 38 -6.10 7.30 -4.43
CA LYS A 38 -5.85 8.46 -3.55
C LYS A 38 -4.53 8.34 -2.83
N ALA A 39 -3.82 9.46 -2.70
CA ALA A 39 -2.59 9.51 -1.90
C ALA A 39 -2.60 10.78 -1.07
N THR A 40 -2.50 10.59 0.25
CA THR A 40 -2.30 11.70 1.17
C THR A 40 -0.95 11.51 1.82
N LEU A 41 -0.09 12.50 1.68
CA LEU A 41 1.25 12.44 2.26
C LEU A 41 1.36 13.53 3.33
N SER A 42 1.57 13.11 4.58
CA SER A 42 1.64 14.04 5.70
C SER A 42 3.03 13.98 6.27
N GLY A 43 3.51 15.11 6.78
CA GLY A 43 4.88 15.19 7.25
C GLY A 43 5.00 15.85 8.60
N THR A 44 5.94 15.36 9.39
CA THR A 44 6.38 16.07 10.58
C THR A 44 7.87 16.36 10.40
N PHE A 45 8.21 17.63 10.20
CA PHE A 45 9.60 18.05 10.04
C PHE A 45 10.14 18.39 11.41
N ILE A 46 11.37 17.97 11.69
CA ILE A 46 12.00 18.31 12.96
C ILE A 46 13.22 19.14 12.68
N GLU A 47 13.32 20.27 13.35
CA GLU A 47 14.51 21.10 13.36
C GLU A 47 15.08 20.91 14.75
N ASP A 48 16.11 20.07 14.82
CA ASP A 48 16.69 19.59 16.06
C ASP A 48 18.11 20.16 16.22
N PRO A 49 18.31 21.06 17.21
CA PRO A 49 19.65 21.63 17.52
C PRO A 49 20.63 20.59 18.07
N HIS A 50 20.12 19.40 18.38
CA HIS A 50 20.90 18.31 18.99
C HIS A 50 21.24 17.20 17.98
N SER A 51 20.86 17.40 16.74
CA SER A 51 21.22 16.45 15.67
C SER A 51 22.05 17.15 14.59
N ASP A 52 22.94 16.42 13.92
CA ASP A 52 23.71 17.06 12.85
C ASP A 52 23.07 16.93 11.45
N LYS A 53 21.90 16.27 11.37
CA LYS A 53 21.10 16.25 10.16
C LYS A 53 19.67 16.77 10.44
N LYS A 54 18.84 16.82 9.40
CA LYS A 54 17.41 17.19 9.52
C LYS A 54 16.63 15.94 9.23
N THR A 55 15.46 15.80 9.86
CA THR A 55 14.61 14.63 9.65
C THR A 55 13.16 15.02 9.44
N ALA A 56 12.48 14.29 8.56
CA ALA A 56 11.04 14.41 8.45
C ALA A 56 10.45 13.02 8.58
N LEU A 57 9.43 12.86 9.41
CA LEU A 57 8.66 11.62 9.45
C LEU A 57 7.51 11.82 8.48
N LEU A 58 7.33 10.89 7.55
CA LEU A 58 6.26 11.01 6.56
C LEU A 58 5.23 9.90 6.74
N ASN A 59 3.97 10.21 6.54
CA ASN A 59 2.91 9.22 6.65
C ASN A 59 2.14 9.20 5.35
N LEU A 60 2.08 8.05 4.69
CA LEU A 60 1.31 7.90 3.46
C LEU A 60 -0.01 7.19 3.78
N GLU A 61 -1.14 7.80 3.42
CA GLU A 61 -2.43 7.13 3.50
C GLU A 61 -3.08 7.22 2.17
N GLY A 62 -3.78 6.17 1.79
CA GLY A 62 -4.37 6.21 0.46
C GLY A 62 -5.41 5.17 0.22
N PHE A 63 -5.76 5.04 -1.05
CA PHE A 63 -6.74 4.07 -1.44
C PHE A 63 -6.49 3.64 -2.88
N ILE A 64 -6.58 2.33 -3.09
CA ILE A 64 -6.51 1.75 -4.44
C ILE A 64 -7.78 0.92 -4.64
N PRO A 65 -8.66 1.33 -5.58
CA PRO A 65 -9.89 0.55 -5.81
C PRO A 65 -9.58 -0.87 -6.30
N SER A 66 -10.44 -1.82 -5.95
CA SER A 66 -10.17 -3.21 -6.35
C SER A 66 -10.43 -3.40 -7.84
N ASP A 67 -11.38 -2.63 -8.35
CA ASP A 67 -11.89 -2.79 -9.73
C ASP A 67 -12.33 -4.23 -10.02
N LYS A 68 -12.88 -4.90 -9.02
CA LYS A 68 -13.41 -6.24 -9.25
C LYS A 68 -14.57 -6.15 -10.24
N GLN A 69 -14.59 -7.06 -11.22
CA GLN A 69 -15.58 -7.01 -12.29
C GLN A 69 -15.99 -8.42 -12.63
N ILE A 70 -17.25 -8.62 -12.97
CA ILE A 70 -17.74 -9.93 -13.36
C ILE A 70 -18.40 -9.83 -14.72
N PHE A 71 -18.10 -10.81 -15.59
CA PHE A 71 -18.75 -10.91 -16.91
C PHE A 71 -19.19 -12.36 -17.07
N GLY A 72 -20.10 -12.59 -18.00
CA GLY A 72 -20.44 -13.97 -18.28
C GLY A 72 -21.81 -14.20 -18.86
N SER A 73 -22.15 -15.47 -18.95
CA SER A 73 -23.28 -15.96 -19.71
C SER A 73 -23.66 -17.30 -19.09
N LYS A 74 -24.56 -18.03 -19.75
CA LYS A 74 -25.03 -19.30 -19.20
C LYS A 74 -23.90 -20.28 -18.85
N TYR A 75 -22.95 -20.45 -19.77
CA TYR A 75 -21.91 -21.50 -19.61
C TYR A 75 -20.50 -20.99 -19.28
N TYR A 76 -20.37 -19.68 -19.11
CA TYR A 76 -19.05 -19.06 -18.99
C TYR A 76 -19.10 -17.88 -18.00
N GLY A 77 -18.03 -17.73 -17.22
CA GLY A 77 -17.93 -16.58 -16.34
C GLY A 77 -16.50 -16.12 -16.22
N LYS A 78 -16.31 -14.81 -16.06
CA LYS A 78 -14.99 -14.27 -15.74
C LYS A 78 -15.10 -13.22 -14.66
N MET A 79 -14.29 -13.43 -13.63
CA MET A 79 -14.15 -12.47 -12.54
C MET A 79 -12.73 -11.94 -12.54
N LYS A 80 -12.58 -10.64 -12.83
CA LYS A 80 -11.30 -9.99 -12.69
C LYS A 80 -11.16 -9.48 -11.25
N TRP A 81 -10.01 -9.74 -10.62
CA TRP A 81 -9.86 -9.45 -9.20
C TRP A 81 -8.40 -9.08 -8.91
N PRO A 82 -8.14 -8.32 -7.83
CA PRO A 82 -6.77 -7.86 -7.56
C PRO A 82 -5.98 -8.89 -6.76
N GLU A 83 -4.92 -9.42 -7.36
CA GLU A 83 -4.14 -10.44 -6.70
C GLU A 83 -3.01 -9.82 -5.89
N THR A 84 -2.46 -8.70 -6.35
CA THR A 84 -1.40 -7.98 -5.64
C THR A 84 -1.59 -6.47 -5.76
N TYR A 85 -1.54 -5.77 -4.61
CA TYR A 85 -1.33 -4.34 -4.63
C TYR A 85 0.15 -4.03 -4.31
N ARG A 86 0.81 -3.23 -5.15
CA ARG A 86 2.20 -2.82 -4.91
C ARG A 86 2.26 -1.33 -4.66
N ILE A 87 2.97 -0.96 -3.59
CA ILE A 87 3.11 0.45 -3.23
C ILE A 87 4.60 0.73 -3.20
N ASN A 88 5.04 1.69 -4.00
CA ASN A 88 6.44 2.11 -3.98
C ASN A 88 6.49 3.55 -3.50
N VAL A 89 7.41 3.83 -2.59
CA VAL A 89 7.63 5.20 -2.19
C VAL A 89 9.10 5.49 -2.49
N LYS A 90 9.37 6.45 -3.38
CA LYS A 90 10.71 6.74 -3.83
C LYS A 90 11.10 8.13 -3.38
N SER A 91 12.34 8.27 -2.90
CA SER A 91 12.88 9.58 -2.59
C SER A 91 13.93 9.95 -3.66
N ALA A 92 13.86 11.19 -4.12
CA ALA A 92 14.83 11.72 -5.07
C ALA A 92 15.21 13.14 -4.75
N ASP A 93 16.48 13.48 -4.96
CA ASP A 93 16.92 14.86 -4.86
C ASP A 93 18.15 15.04 -5.74
N VAL A 94 18.38 16.28 -6.20
CA VAL A 94 19.35 16.52 -7.27
C VAL A 94 20.77 16.08 -6.92
N ASN A 95 21.16 16.26 -5.65
CA ASN A 95 22.49 15.90 -5.22
C ASN A 95 22.57 14.54 -4.55
N ASN A 96 21.47 13.79 -4.63
CA ASN A 96 21.39 12.44 -4.08
C ASN A 96 21.87 12.38 -2.62
N ASN A 97 21.46 13.39 -1.83
CA ASN A 97 21.89 13.58 -0.43
C ASN A 97 20.88 13.11 0.61
N ILE A 98 19.63 13.06 0.21
CA ILE A 98 18.53 12.75 1.13
C ILE A 98 18.20 11.25 1.07
N LYS A 99 18.03 10.64 2.25
CA LYS A 99 17.90 9.18 2.38
C LYS A 99 16.68 8.78 3.20
N ILE A 100 16.04 7.68 2.82
CA ILE A 100 15.06 7.06 3.68
C ILE A 100 15.85 6.31 4.76
N ALA A 101 15.72 6.77 6.00
CA ALA A 101 16.45 6.18 7.10
C ALA A 101 15.83 4.87 7.57
N ASN A 102 14.50 4.79 7.52
CA ASN A 102 13.77 3.61 7.92
C ASN A 102 12.32 3.79 7.50
N SER A 103 11.56 2.71 7.59
CA SER A 103 10.19 2.70 7.06
C SER A 103 9.43 1.56 7.71
N ILE A 104 8.11 1.72 7.80
CA ILE A 104 7.24 0.68 8.34
C ILE A 104 6.04 0.53 7.39
N PRO A 105 5.43 -0.67 7.34
CA PRO A 105 5.76 -1.88 8.11
C PRO A 105 6.95 -2.60 7.53
N LYS A 106 7.51 -3.52 8.32
CA LYS A 106 8.74 -4.19 7.90
C LYS A 106 8.53 -5.67 7.72
N ASN A 107 9.50 -6.30 7.03
CA ASN A 107 9.50 -7.74 6.81
C ASN A 107 8.16 -8.21 6.19
N THR A 108 7.61 -9.31 6.71
CA THR A 108 6.34 -9.83 6.20
C THR A 108 5.33 -9.96 7.33
N ILE A 109 4.12 -9.46 7.09
CA ILE A 109 3.05 -9.47 8.09
C ILE A 109 1.84 -10.19 7.52
N ASP A 110 1.46 -11.28 8.17
CA ASP A 110 0.35 -12.10 7.72
C ASP A 110 -0.93 -11.76 8.52
N LYS A 111 -0.80 -11.02 9.63
CA LYS A 111 -1.95 -10.68 10.49
C LYS A 111 -2.90 -9.78 9.73
N LYS A 112 -4.21 -9.94 9.98
CA LYS A 112 -5.17 -9.10 9.27
C LYS A 112 -4.94 -7.61 9.56
N ASP A 113 -4.70 -7.28 10.82
CA ASP A 113 -4.54 -5.89 11.20
C ASP A 113 -3.06 -5.56 11.33
N VAL A 114 -2.60 -4.64 10.48
CA VAL A 114 -1.21 -4.20 10.51
C VAL A 114 -1.15 -2.90 11.31
N SER A 115 -0.23 -2.84 12.26
CA SER A 115 -0.11 -1.65 13.09
C SER A 115 1.31 -1.57 13.58
N ASN A 116 1.97 -0.44 13.35
CA ASN A 116 3.29 -0.19 13.98
CA ASN A 116 3.36 -0.20 13.75
C ASN A 116 3.57 1.29 14.00
N SER A 117 4.65 1.65 14.67
CA SER A 117 5.02 3.04 14.83
CA SER A 117 5.01 3.04 14.88
C SER A 117 6.47 3.25 14.52
N ILE A 118 6.78 4.44 14.00
CA ILE A 118 8.16 4.87 13.76
C ILE A 118 8.34 6.13 14.61
N GLY A 119 9.40 6.17 15.39
CA GLY A 119 9.58 7.25 16.36
C GLY A 119 10.87 8.01 16.12
N TYR A 120 10.86 9.28 16.51
CA TYR A 120 12.05 10.13 16.43
C TYR A 120 12.44 10.54 17.84
N SER A 121 13.71 10.35 18.18
CA SER A 121 14.25 10.83 19.45
C SER A 121 15.13 12.03 19.23
N ILE A 122 14.99 13.04 20.09
CA ILE A 122 15.84 14.23 20.02
C ILE A 122 17.29 13.76 20.04
N GLY A 123 18.10 14.28 19.13
CA GLY A 123 19.46 13.78 18.93
C GLY A 123 19.58 13.04 17.61
N GLY A 124 18.44 12.59 17.09
CA GLY A 124 18.38 12.03 15.73
C GLY A 124 18.07 10.56 15.59
N ASN A 125 17.99 9.82 16.70
CA ASN A 125 17.73 8.38 16.63
C ASN A 125 16.32 8.07 16.11
N ILE A 126 16.24 7.12 15.18
CA ILE A 126 14.98 6.69 14.59
C ILE A 126 14.71 5.23 14.98
N SER A 127 13.51 4.99 15.52
CA SER A 127 13.17 3.67 16.04
C SER A 127 11.89 3.13 15.39
N VAL A 128 11.84 1.82 15.17
CA VAL A 128 10.65 1.16 14.59
C VAL A 128 10.13 -0.01 15.44
N VAL A 143 8.00 12.21 19.27
CA VAL A 143 7.44 12.39 17.95
C VAL A 143 7.34 11.01 17.32
N GLN A 144 6.14 10.64 16.88
CA GLN A 144 5.96 9.34 16.26
C GLN A 144 4.87 9.40 15.20
N ASN A 145 4.97 8.50 14.22
CA ASN A 145 3.90 8.31 13.25
C ASN A 145 3.43 6.88 13.40
N THR A 146 2.13 6.68 13.55
CA THR A 146 1.58 5.34 13.71
C THR A 146 0.80 4.99 12.45
N ILE A 147 0.98 3.77 11.95
CA ILE A 147 0.23 3.30 10.80
C ILE A 147 -0.76 2.22 11.21
N SER A 148 -1.81 2.08 10.41
CA SER A 148 -2.85 1.09 10.67
C SER A 148 -3.59 0.81 9.39
N TYR A 149 -3.68 -0.47 9.03
CA TYR A 149 -4.59 -0.90 7.97
C TYR A 149 -4.98 -2.33 8.11
N GLU A 150 -6.06 -2.71 7.45
CA GLU A 150 -6.47 -4.11 7.43
C GLU A 150 -6.21 -4.76 6.05
N GLN A 151 -5.91 -6.05 6.08
CA GLN A 151 -5.62 -6.79 4.84
C GLN A 151 -6.22 -8.20 4.87
N PRO A 152 -7.52 -8.35 5.18
CA PRO A 152 -8.09 -9.72 5.25
C PRO A 152 -7.81 -10.54 3.99
N ASP A 153 -7.31 -11.76 4.20
CA ASP A 153 -6.94 -12.73 3.13
C ASP A 153 -5.66 -12.41 2.36
N PHE A 154 -4.95 -11.34 2.75
CA PHE A 154 -3.72 -10.91 2.09
C PHE A 154 -2.59 -10.87 3.11
N ARG A 155 -1.36 -10.73 2.62
CA ARG A 155 -0.20 -10.45 3.48
C ARG A 155 0.59 -9.28 2.94
N THR A 156 1.37 -8.64 3.79
CA THR A 156 2.22 -7.53 3.38
C THR A 156 3.67 -8.01 3.38
N ILE A 157 4.35 -7.80 2.26
CA ILE A 157 5.77 -8.17 2.13
C ILE A 157 6.52 -6.89 1.82
N GLN A 158 7.39 -6.44 2.70
CA GLN A 158 8.25 -5.31 2.32
C GLN A 158 9.35 -5.84 1.40
N ARG A 159 9.24 -5.54 0.11
CA ARG A 159 10.09 -6.13 -0.91
C ARG A 159 11.35 -5.33 -1.18
N LYS A 160 11.31 -4.03 -0.88
CA LYS A 160 12.50 -3.17 -0.97
C LYS A 160 12.57 -2.22 0.21
N ASP A 161 13.78 -2.01 0.72
CA ASP A 161 13.99 -1.11 1.84
C ASP A 161 15.40 -0.54 1.76
N ASP A 162 15.61 0.37 0.80
CA ASP A 162 16.92 1.00 0.70
C ASP A 162 16.82 2.51 0.78
N ALA A 163 17.93 3.20 0.55
CA ALA A 163 18.01 4.65 0.81
C ALA A 163 17.04 5.50 -0.03
N ASN A 164 16.65 5.00 -1.20
CA ASN A 164 15.77 5.77 -2.09
C ASN A 164 14.46 5.10 -2.48
N LEU A 165 14.22 3.88 -2.00
CA LEU A 165 12.99 3.15 -2.31
C LEU A 165 12.53 2.29 -1.15
N ALA A 166 11.28 2.46 -0.75
CA ALA A 166 10.61 1.54 0.15
C ALA A 166 9.46 0.97 -0.68
N SER A 167 9.34 -0.34 -0.72
CA SER A 167 8.31 -0.95 -1.52
C SER A 167 7.65 -2.11 -0.78
N TRP A 168 6.34 -2.26 -0.98
CA TRP A 168 5.54 -3.28 -0.31
C TRP A 168 4.61 -3.95 -1.30
N ASP A 169 4.55 -5.27 -1.26
CA ASP A 169 3.50 -6.02 -1.95
C ASP A 169 2.48 -6.47 -0.93
N ILE A 170 1.22 -6.16 -1.20
CA ILE A 170 0.13 -6.68 -0.40
C ILE A 170 -0.51 -7.73 -1.29
N LYS A 171 -0.22 -8.99 -0.97
CA LYS A 171 -0.44 -10.09 -1.90
C LYS A 171 -1.44 -11.08 -1.35
N PHE A 172 -2.30 -11.57 -2.22
CA PHE A 172 -3.35 -12.48 -1.82
C PHE A 172 -2.74 -13.76 -1.28
N VAL A 173 -3.33 -14.29 -0.22
CA VAL A 173 -2.87 -15.54 0.38
C VAL A 173 -3.85 -16.66 0.05
N GLU A 174 -5.06 -16.61 0.62
CA GLU A 174 -6.08 -17.65 0.43
C GLU A 174 -7.43 -17.14 0.89
N THR A 175 -8.50 -17.74 0.38
CA THR A 175 -9.83 -17.42 0.91
C THR A 175 -10.01 -18.11 2.27
N LYS A 176 -11.07 -17.73 3.00
CA LYS A 176 -11.42 -18.42 4.25
C LYS A 176 -11.59 -19.93 4.06
N ASP A 177 -12.04 -20.35 2.86
CA ASP A 177 -12.21 -21.77 2.53
C ASP A 177 -10.89 -22.49 2.23
N GLY A 178 -9.80 -21.73 2.22
CA GLY A 178 -8.46 -22.26 1.99
C GLY A 178 -8.07 -22.43 0.54
N TYR A 179 -8.81 -21.80 -0.39
CA TYR A 179 -8.43 -21.86 -1.80
C TYR A 179 -7.44 -20.77 -2.14
N ASN A 180 -6.45 -21.10 -2.95
CA ASN A 180 -5.46 -20.10 -3.33
C ASN A 180 -5.22 -20.17 -4.83
N ILE A 181 -4.34 -19.33 -5.37
CA ILE A 181 -4.15 -19.30 -6.83
C ILE A 181 -3.58 -20.60 -7.42
N ASP A 182 -3.05 -21.49 -6.56
CA ASP A 182 -2.58 -22.78 -7.04
C ASP A 182 -3.54 -23.94 -6.83
N SER A 183 -4.71 -23.70 -6.22
CA SER A 183 -5.61 -24.80 -5.85
C SER A 183 -6.08 -25.53 -7.10
N TYR A 184 -6.16 -26.85 -7.02
CA TYR A 184 -6.52 -27.65 -8.19
C TYR A 184 -7.18 -28.96 -7.80
N HIS A 185 -8.39 -29.15 -8.31
CA HIS A 185 -9.16 -30.37 -8.16
C HIS A 185 -9.30 -30.96 -9.56
N ALA A 186 -9.09 -32.28 -9.68
CA ALA A 186 -9.12 -32.95 -10.98
C ALA A 186 -10.40 -32.69 -11.78
N ILE A 187 -11.53 -32.56 -11.09
CA ILE A 187 -12.81 -32.31 -11.75
C ILE A 187 -13.14 -30.80 -11.78
N TYR A 188 -13.15 -30.15 -10.62
CA TYR A 188 -13.61 -28.74 -10.51
C TYR A 188 -12.57 -27.67 -10.79
N GLY A 189 -11.32 -28.08 -10.99
CA GLY A 189 -10.24 -27.14 -11.28
C GLY A 189 -9.95 -26.35 -10.03
N ASN A 190 -9.70 -25.05 -10.20
CA ASN A 190 -9.49 -24.15 -9.07
C ASN A 190 -10.85 -23.60 -8.62
N GLN A 191 -11.23 -23.90 -7.38
CA GLN A 191 -12.53 -23.49 -6.86
C GLN A 191 -12.52 -22.13 -6.19
N LEU A 192 -11.41 -21.41 -6.30
CA LEU A 192 -11.17 -20.09 -5.65
C LEU A 192 -12.43 -19.26 -5.34
N PHE A 193 -13.16 -18.81 -6.35
CA PHE A 193 -14.36 -17.99 -6.10
C PHE A 193 -15.61 -18.60 -6.70
N MET A 194 -15.62 -19.93 -6.77
CA MET A 194 -16.76 -20.68 -7.33
C MET A 194 -17.88 -20.79 -6.29
N LYS A 195 -19.03 -20.21 -6.60
CA LYS A 195 -20.17 -20.23 -5.66
C LYS A 195 -20.80 -21.62 -5.56
N SER A 196 -21.00 -22.27 -6.70
CA SER A 196 -21.56 -23.63 -6.75
C SER A 196 -20.88 -24.51 -7.80
N ARG A 197 -20.63 -25.77 -7.45
CA ARG A 197 -20.10 -26.74 -8.40
C ARG A 197 -21.14 -27.14 -9.45
N LEU A 198 -22.41 -27.05 -9.08
CA LEU A 198 -23.48 -27.66 -9.87
C LEU A 198 -24.49 -26.66 -10.43
N TYR A 199 -24.63 -25.52 -9.76
CA TYR A 199 -25.72 -24.58 -10.06
C TYR A 199 -25.25 -23.22 -10.53
N ASN A 200 -26.21 -22.42 -11.01
CA ASN A 200 -26.03 -21.01 -11.39
C ASN A 200 -25.51 -20.82 -12.81
N ASN A 201 -25.98 -19.78 -13.49
CA ASN A 201 -25.32 -19.32 -14.72
C ASN A 201 -23.92 -18.77 -14.38
N GLY A 202 -23.05 -18.67 -15.39
CA GLY A 202 -21.66 -18.22 -15.19
C GLY A 202 -21.50 -16.88 -14.49
N ASP A 203 -22.20 -15.86 -14.98
CA ASP A 203 -22.11 -14.54 -14.35
C ASP A 203 -22.75 -14.47 -12.96
N LYS A 204 -23.46 -15.54 -12.58
CA LYS A 204 -24.11 -15.60 -11.29
C LYS A 204 -23.44 -16.62 -10.36
N ASN A 205 -22.26 -17.11 -10.75
CA ASN A 205 -21.64 -18.24 -10.04
C ASN A 205 -20.33 -17.91 -9.32
N PHE A 206 -20.13 -16.63 -9.01
CA PHE A 206 -18.97 -16.20 -8.26
C PHE A 206 -19.37 -15.83 -6.84
N THR A 207 -18.41 -16.00 -5.92
CA THR A 207 -18.59 -15.60 -4.52
C THR A 207 -19.23 -14.20 -4.40
N ASP A 208 -20.28 -14.08 -3.60
CA ASP A 208 -20.91 -12.78 -3.31
C ASP A 208 -19.92 -11.82 -2.65
N ASP A 209 -20.08 -10.51 -2.92
CA ASP A 209 -19.22 -9.48 -2.32
C ASP A 209 -19.07 -9.57 -0.82
N ARG A 210 -20.18 -9.79 -0.12
CA ARG A 210 -20.15 -9.88 1.35
C ARG A 210 -19.33 -11.06 1.89
N ASP A 211 -19.05 -12.04 1.03
CA ASP A 211 -18.21 -13.19 1.40
C ASP A 211 -16.78 -13.08 0.91
N LEU A 212 -16.42 -11.95 0.27
CA LEU A 212 -15.06 -11.73 -0.19
C LEU A 212 -14.33 -10.81 0.76
N SER A 213 -13.02 -10.90 0.79
CA SER A 213 -12.22 -9.88 1.46
C SER A 213 -12.59 -8.51 0.93
N THR A 214 -12.63 -7.52 1.82
CA THR A 214 -12.85 -6.13 1.40
C THR A 214 -11.78 -5.62 0.41
N LEU A 215 -10.58 -6.22 0.43
CA LEU A 215 -9.54 -5.86 -0.56
C LEU A 215 -9.90 -6.32 -1.97
N ILE A 216 -10.81 -7.27 -2.06
CA ILE A 216 -11.32 -7.73 -3.37
C ILE A 216 -12.63 -7.02 -3.74
N SER A 217 -13.56 -6.94 -2.80
CA SER A 217 -14.85 -6.31 -3.11
C SER A 217 -14.74 -4.80 -3.24
N GLY A 218 -13.82 -4.18 -2.51
CA GLY A 218 -13.76 -2.72 -2.46
C GLY A 218 -12.43 -2.15 -2.92
N GLY A 219 -11.36 -2.54 -2.25
CA GLY A 219 -10.03 -1.99 -2.54
C GLY A 219 -9.17 -1.97 -1.30
N PHE A 220 -7.96 -1.42 -1.43
CA PHE A 220 -6.98 -1.46 -0.35
C PHE A 220 -6.75 -0.05 0.13
N SER A 221 -6.62 0.12 1.44
CA SER A 221 -6.32 1.43 2.03
C SER A 221 -4.93 1.43 2.65
N PRO A 222 -3.90 1.65 1.83
CA PRO A 222 -2.55 1.57 2.37
C PRO A 222 -2.25 2.64 3.41
N ASN A 223 -1.40 2.30 4.38
CA ASN A 223 -0.91 3.27 5.36
C ASN A 223 0.50 2.80 5.68
N MET A 224 1.48 3.56 5.21
CA MET A 224 2.88 3.25 5.43
C MET A 224 3.54 4.52 5.93
N ALA A 225 4.70 4.40 6.53
CA ALA A 225 5.39 5.59 7.03
C ALA A 225 6.89 5.45 6.90
N LEU A 226 7.58 6.59 6.82
CA LEU A 226 9.02 6.53 6.76
C LEU A 226 9.66 7.73 7.42
N ALA A 227 10.99 7.65 7.60
CA ALA A 227 11.74 8.79 8.08
C ALA A 227 12.74 9.14 6.99
N LEU A 228 12.77 10.42 6.61
CA LEU A 228 13.76 10.95 5.68
C LEU A 228 14.77 11.75 6.44
N THR A 229 16.03 11.55 6.09
CA THR A 229 17.11 12.34 6.64
CA THR A 229 17.10 12.36 6.65
C THR A 229 17.76 13.19 5.55
N ALA A 230 18.05 14.45 5.87
CA ALA A 230 18.62 15.41 4.95
C ALA A 230 19.80 16.14 5.61
N PRO A 231 20.78 16.59 4.80
CA PRO A 231 21.76 17.54 5.33
C PRO A 231 21.03 18.78 5.83
N LYS A 232 21.61 19.48 6.81
CA LYS A 232 20.99 20.68 7.38
C LYS A 232 20.63 21.75 6.32
N ASN A 233 21.45 21.90 5.29
CA ASN A 233 21.18 22.94 4.29
C ASN A 233 20.18 22.58 3.19
N ALA A 234 19.58 21.38 3.26
CA ALA A 234 18.63 20.94 2.22
C ALA A 234 17.43 21.87 2.15
N LYS A 235 16.99 22.17 0.93
CA LYS A 235 15.86 23.03 0.74
C LYS A 235 14.65 22.30 0.14
N GLU A 236 14.91 21.31 -0.72
CA GLU A 236 13.84 20.55 -1.35
C GLU A 236 14.28 19.15 -1.77
N SER A 237 13.31 18.25 -1.81
CA SER A 237 13.47 16.94 -2.38
C SER A 237 12.10 16.52 -2.89
N VAL A 238 12.03 15.33 -3.47
CA VAL A 238 10.76 14.86 -3.97
C VAL A 238 10.47 13.47 -3.45
N ILE A 239 9.20 13.18 -3.17
CA ILE A 239 8.73 11.82 -2.89
C ILE A 239 7.75 11.44 -4.00
N ILE A 240 7.96 10.25 -4.58
CA ILE A 240 7.06 9.71 -5.60
C ILE A 240 6.34 8.51 -5.00
N VAL A 241 5.03 8.54 -5.01
CA VAL A 241 4.21 7.42 -4.53
C VAL A 241 3.68 6.73 -5.78
N GLU A 242 4.04 5.45 -5.97
CA GLU A 242 3.62 4.67 -7.14
C GLU A 242 2.71 3.57 -6.65
N TYR A 243 1.53 3.49 -7.25
CA TYR A 243 0.58 2.44 -6.93
C TYR A 243 0.39 1.56 -8.15
N GLN A 244 0.40 0.25 -7.94
CA GLN A 244 0.23 -0.71 -9.02
C GLN A 244 -0.70 -1.79 -8.53
N ARG A 245 -1.65 -2.22 -9.36
CA ARG A 245 -2.56 -3.26 -8.96
C ARG A 245 -2.48 -4.36 -10.01
N PHE A 246 -2.04 -5.55 -9.61
CA PHE A 246 -1.90 -6.69 -10.53
C PHE A 246 -3.16 -7.52 -10.43
N ASP A 247 -3.85 -7.62 -11.54
CA ASP A 247 -5.13 -8.28 -11.58
C ASP A 247 -4.97 -9.70 -12.08
N ASN A 248 -5.86 -10.58 -11.62
CA ASN A 248 -5.98 -11.92 -12.15
C ASN A 248 -7.39 -12.12 -12.72
N ASP A 249 -7.53 -13.10 -13.62
CA ASP A 249 -8.82 -13.46 -14.18
C ASP A 249 -9.19 -14.82 -13.63
N TYR A 250 -10.28 -14.87 -12.88
CA TYR A 250 -10.82 -16.15 -12.42
C TYR A 250 -12.00 -16.56 -13.31
N ILE A 251 -11.82 -17.67 -14.02
CA ILE A 251 -12.69 -18.04 -15.15
C ILE A 251 -13.43 -19.35 -14.82
N LEU A 252 -14.74 -19.35 -15.09
CA LEU A 252 -15.59 -20.53 -14.92
C LEU A 252 -16.06 -21.00 -16.29
N ASN A 253 -15.91 -22.30 -16.53
CA ASN A 253 -16.44 -22.97 -17.72
C ASN A 253 -17.32 -24.15 -17.31
N TRP A 254 -18.52 -24.22 -17.87
CA TRP A 254 -19.41 -25.33 -17.60
C TRP A 254 -18.97 -26.57 -18.38
N GLU A 255 -18.77 -27.68 -17.68
CA GLU A 255 -18.32 -28.92 -18.31
C GLU A 255 -19.31 -30.06 -18.15
N THR A 256 -20.41 -29.91 -18.90
CA THR A 256 -21.50 -30.89 -18.98
C THR A 256 -22.25 -31.13 -17.67
N THR A 257 -21.53 -31.53 -16.62
CA THR A 257 -22.18 -31.89 -15.36
C THR A 257 -21.77 -31.04 -14.16
N GLN A 258 -20.74 -30.20 -14.35
CA GLN A 258 -20.25 -29.33 -13.29
C GLN A 258 -19.45 -28.16 -13.84
N TRP A 259 -19.27 -27.15 -12.98
CA TRP A 259 -18.37 -26.06 -13.23
C TRP A 259 -16.91 -26.43 -13.01
N ARG A 260 -16.04 -25.86 -13.85
CA ARG A 260 -14.59 -25.96 -13.67
C ARG A 260 -13.98 -24.55 -13.63
N GLY A 261 -13.14 -24.30 -12.64
CA GLY A 261 -12.53 -22.94 -12.49
C GLY A 261 -11.07 -22.94 -12.87
N THR A 262 -10.59 -21.81 -13.40
CA THR A 262 -9.18 -21.62 -13.74
C THR A 262 -8.84 -20.20 -13.32
N ASN A 263 -7.73 -20.02 -12.63
CA ASN A 263 -7.23 -18.68 -12.36
C ASN A 263 -5.96 -18.40 -13.18
N LYS A 264 -5.88 -17.22 -13.78
CA LYS A 264 -4.68 -16.85 -14.50
C LYS A 264 -4.37 -15.38 -14.29
N LEU A 265 -3.15 -14.99 -14.64
CA LEU A 265 -2.79 -13.57 -14.67
C LEU A 265 -3.62 -12.84 -15.73
N SER A 266 -4.14 -11.66 -15.37
CA SER A 266 -4.84 -10.84 -16.36
C SER A 266 -3.80 -10.29 -17.34
N SER A 267 -4.25 -9.96 -18.55
CA SER A 267 -3.36 -9.34 -19.55
CA SER A 267 -3.40 -9.33 -19.57
C SER A 267 -3.15 -7.86 -19.27
N THR A 268 -3.92 -7.33 -18.32
CA THR A 268 -3.85 -5.91 -17.99
C THR A 268 -3.52 -5.76 -16.49
N SER A 269 -2.91 -4.63 -16.14
CA SER A 269 -2.79 -4.20 -14.75
C SER A 269 -3.02 -2.69 -14.73
N GLU A 270 -3.14 -2.10 -13.54
CA GLU A 270 -3.33 -0.65 -13.51
C GLU A 270 -2.26 0.02 -12.69
N TYR A 271 -1.97 1.26 -13.05
CA TYR A 271 -0.85 1.99 -12.43
C TYR A 271 -1.18 3.47 -12.33
N ASN A 272 -0.90 4.07 -11.17
CA ASN A 272 -1.03 5.52 -11.02
C ASN A 272 0.04 6.00 -10.08
N GLU A 273 0.62 7.18 -10.33
CA GLU A 273 1.62 7.72 -9.43
C GLU A 273 1.34 9.18 -9.06
N PHE A 274 1.88 9.58 -7.92
CA PHE A 274 1.64 10.93 -7.39
C PHE A 274 2.99 11.41 -6.88
N MET A 275 3.44 12.57 -7.37
CA MET A 275 4.69 13.17 -6.93
C MET A 275 4.43 14.34 -5.94
N PHE A 276 5.21 14.38 -4.87
CA PHE A 276 5.08 15.43 -3.85
C PHE A 276 6.43 16.09 -3.66
N LYS A 277 6.47 17.41 -3.71
CA LYS A 277 7.67 18.14 -3.31
C LYS A 277 7.76 18.17 -1.79
N ILE A 278 8.91 17.77 -1.25
CA ILE A 278 9.21 17.94 0.15
C ILE A 278 9.95 19.27 0.27
N ASN A 279 9.24 20.28 0.74
CA ASN A 279 9.78 21.63 0.82
C ASN A 279 10.40 21.76 2.21
N TRP A 280 11.67 21.38 2.34
CA TRP A 280 12.31 21.41 3.66
C TRP A 280 12.42 22.85 4.17
N GLN A 281 12.67 23.78 3.24
CA GLN A 281 12.88 25.17 3.59
C GLN A 281 11.66 25.78 4.29
N ASP A 282 10.47 25.51 3.76
CA ASP A 282 9.23 26.06 4.30
C ASP A 282 8.42 25.08 5.16
N HIS A 283 8.96 23.87 5.34
CA HIS A 283 8.29 22.76 6.06
C HIS A 283 6.91 22.45 5.49
N LYS A 284 6.87 22.26 4.16
CA LYS A 284 5.61 22.01 3.46
C LYS A 284 5.69 20.77 2.58
N ILE A 285 4.58 20.07 2.50
CA ILE A 285 4.43 19.02 1.50
CA ILE A 285 4.39 18.99 1.53
C ILE A 285 3.52 19.53 0.41
N GLU A 286 4.00 19.45 -0.85
CA GLU A 286 3.28 20.09 -1.98
C GLU A 286 3.15 19.16 -3.18
N TYR A 287 1.93 18.73 -3.47
CA TYR A 287 1.69 17.86 -4.62
C TYR A 287 2.06 18.56 -5.92
N TYR A 288 2.78 17.87 -6.82
CA TYR A 288 3.13 18.38 -8.14
C TYR A 288 2.00 18.01 -9.09
N LEU A 289 1.35 19.02 -9.67
CA LEU A 289 0.22 18.80 -10.59
C LEU A 289 0.61 18.08 -11.91
#